data_4EZ8
#
_entry.id   4EZ8
#
_cell.length_a   71.121
_cell.length_b   112.045
_cell.length_c   88.297
_cell.angle_alpha   90.000
_cell.angle_beta   90.000
_cell.angle_gamma   90.000
#
_symmetry.space_group_name_H-M   'C 2 2 21'
#
loop_
_entity.id
_entity.type
_entity.pdbx_description
1 polymer 'Thymidylate synthase'
2 non-polymer "2'-deoxy-N-hydroxycytidine 5'-(dihydrogen phosphate)"
3 non-polymer 'DIHYDROFOLIC ACID'
4 non-polymer GLYCEROL
5 water water
#
_entity_poly.entity_id   1
_entity_poly.type   'polypeptide(L)'
_entity_poly.pdbx_seq_one_letter_code
;MLVVGSELQSDAQQLSAEAPRHGELQYLRQVEHILRCGFKKEDRTGTGTLSVFGMQARYSLRDEFPLLTTKRVFWKGVLE
ELLWFIKGSTNAKELSSKGVRIWDANGSRDFLDSLGFSARQEGDLGPVYGFQWRHFGAEYKDMDSDYSGQGVDQLQKVID
TIKTNPDDRRIIMCAWNPKDLPLMALPPCHALCQFYVVNGELSCQLYQRSGDMGLGVPFNIASYALLTYMIAHITGLQPG
DFVHTLGDAHIYLNHIEPLKIQLQREPRPFPKLKILRKVETIDDFKVEDFQIEGYNPHPTIKMEMAV
;
_entity_poly.pdbx_strand_id   A
#
loop_
_chem_comp.id
_chem_comp.type
_chem_comp.name
_chem_comp.formula
DHF non-polymer 'DIHYDROFOLIC ACID' 'C19 H21 N7 O6'
GOL non-polymer GLYCEROL 'C3 H8 O3'
NOH non-polymer '2'-deoxy-N-hydroxycytidine 5'-(dihydrogen phosphate)' 'C9 H14 N3 O8 P'
#
# COMPACT_ATOMS: atom_id res chain seq x y z
N ARG A 21 -18.21 -6.27 -16.36
N ARG A 21 -18.99 -7.91 -14.55
CA ARG A 21 -18.26 -6.35 -14.86
CA ARG A 21 -18.27 -6.59 -14.74
C ARG A 21 -16.84 -6.56 -14.26
C ARG A 21 -16.82 -6.66 -14.24
N HIS A 22 -15.86 -6.24 -15.06
CA HIS A 22 -14.45 -6.32 -14.63
C HIS A 22 -14.23 -5.36 -13.47
N GLY A 23 -13.53 -5.82 -12.39
CA GLY A 23 -13.25 -5.01 -11.23
C GLY A 23 -12.43 -3.76 -11.51
N GLU A 24 -11.59 -3.83 -12.52
CA GLU A 24 -10.75 -2.68 -12.89
C GLU A 24 -11.58 -1.47 -13.34
N LEU A 25 -12.77 -1.74 -13.84
CA LEU A 25 -13.66 -0.66 -14.28
C LEU A 25 -13.92 0.27 -13.14
N GLN A 26 -13.91 -0.17 -11.90
CA GLN A 26 -14.13 0.77 -10.79
C GLN A 26 -13.04 1.82 -10.75
N TYR A 27 -11.79 1.42 -10.85
CA TYR A 27 -10.67 2.36 -10.85
C TYR A 27 -10.81 3.31 -12.03
N LEU A 28 -11.05 2.78 -13.24
CA LEU A 28 -11.14 3.61 -14.44
C LEU A 28 -12.27 4.62 -14.31
N ARG A 29 -13.40 4.19 -13.74
N ARG A 29 -13.41 4.19 -13.75
CA ARG A 29 -14.52 5.11 -13.53
CA ARG A 29 -14.53 5.10 -13.53
C ARG A 29 -14.23 6.15 -12.49
C ARG A 29 -14.24 6.16 -12.49
N GLN A 30 -13.42 5.81 -11.46
CA GLN A 30 -13.00 6.86 -10.50
C GLN A 30 -12.15 7.89 -11.20
N VAL A 31 -11.22 7.46 -12.02
CA VAL A 31 -10.40 8.41 -12.79
C VAL A 31 -11.28 9.29 -13.66
N GLU A 32 -12.19 8.69 -14.40
CA GLU A 32 -13.11 9.45 -15.26
CA GLU A 32 -13.08 9.47 -15.25
CA GLU A 32 -13.11 9.45 -15.25
C GLU A 32 -13.90 10.46 -14.43
N HIS A 33 -14.38 10.04 -13.26
CA HIS A 33 -15.18 10.91 -12.42
C HIS A 33 -14.36 12.12 -11.98
N ILE A 34 -13.09 11.91 -11.58
CA ILE A 34 -12.24 13.02 -11.19
C ILE A 34 -11.99 13.95 -12.39
N LEU A 35 -11.73 13.38 -13.56
CA LEU A 35 -11.47 14.21 -14.74
C LEU A 35 -12.67 15.07 -15.14
N ARG A 36 -13.88 14.56 -14.93
N ARG A 36 -13.88 14.56 -14.93
CA ARG A 36 -15.09 15.25 -15.33
CA ARG A 36 -15.10 15.24 -15.32
C ARG A 36 -15.67 16.11 -14.26
C ARG A 36 -15.67 16.11 -14.25
N CYS A 37 -15.64 15.68 -12.99
CA CYS A 37 -16.31 16.33 -11.90
C CYS A 37 -15.44 16.76 -10.76
N GLY A 38 -14.16 16.45 -10.78
CA GLY A 38 -13.27 16.90 -9.76
C GLY A 38 -13.10 18.42 -9.82
N PHE A 39 -12.69 18.97 -8.68
N PHE A 39 -12.72 19.00 -8.68
CA PHE A 39 -12.35 20.40 -8.55
CA PHE A 39 -12.42 20.42 -8.62
C PHE A 39 -10.87 20.62 -8.67
C PHE A 39 -10.92 20.63 -8.65
N LYS A 40 -10.46 21.70 -9.26
CA LYS A 40 -9.08 22.12 -9.15
C LYS A 40 -8.75 22.36 -7.68
N LYS A 41 -7.59 21.86 -7.28
CA LYS A 41 -7.12 22.01 -5.90
C LYS A 41 -5.59 22.10 -5.92
N GLU A 42 -5.07 23.19 -5.39
CA GLU A 42 -3.65 23.38 -5.21
C GLU A 42 -3.16 22.34 -4.20
N ASP A 43 -1.86 22.07 -4.22
CA ASP A 43 -1.32 21.10 -3.34
C ASP A 43 0.07 21.42 -2.82
N ARG A 44 0.46 20.65 -1.80
CA ARG A 44 1.75 20.77 -1.13
C ARG A 44 2.92 20.83 -2.09
N THR A 45 2.90 20.00 -3.12
CA THR A 45 4.02 19.86 -4.04
C THR A 45 4.10 21.00 -5.06
N GLY A 46 3.05 21.81 -5.13
CA GLY A 46 3.02 22.91 -6.11
C GLY A 46 2.66 22.46 -7.52
N THR A 47 2.23 21.22 -7.70
CA THR A 47 1.91 20.69 -8.99
C THR A 47 0.50 21.08 -9.46
N GLY A 48 -0.44 21.02 -8.52
CA GLY A 48 -1.84 21.16 -8.81
C GLY A 48 -2.51 19.86 -9.12
N THR A 49 -3.80 19.79 -8.77
CA THR A 49 -4.59 18.58 -8.92
C THR A 49 -6.01 18.89 -9.38
N LEU A 50 -6.65 17.85 -9.92
CA LEU A 50 -8.11 17.72 -9.93
C LEU A 50 -8.43 16.73 -8.80
N SER A 51 -9.46 17.03 -7.99
CA SER A 51 -9.65 16.32 -6.74
C SER A 51 -11.11 16.11 -6.45
N VAL A 52 -11.39 14.94 -5.85
CA VAL A 52 -12.69 14.57 -5.24
C VAL A 52 -12.41 14.08 -3.84
N PHE A 53 -13.24 14.45 -2.86
CA PHE A 53 -13.10 13.97 -1.51
C PHE A 53 -14.15 12.90 -1.23
N GLY A 54 -13.68 11.68 -0.94
CA GLY A 54 -14.55 10.56 -0.60
C GLY A 54 -14.87 9.71 -1.81
N MET A 55 -14.23 8.56 -1.91
CA MET A 55 -14.54 7.55 -2.90
C MET A 55 -14.44 6.19 -2.26
N GLN A 56 -15.05 5.19 -2.89
CA GLN A 56 -14.94 3.81 -2.41
C GLN A 56 -15.08 2.87 -3.58
N ALA A 57 -14.28 1.83 -3.63
CA ALA A 57 -14.33 0.75 -4.60
C ALA A 57 -14.21 -0.59 -3.88
N ARG A 58 -14.70 -1.64 -4.48
CA ARG A 58 -14.63 -2.99 -3.91
C ARG A 58 -14.01 -3.94 -4.93
N TYR A 59 -12.86 -4.47 -4.66
CA TYR A 59 -12.18 -5.39 -5.54
C TYR A 59 -12.30 -6.78 -5.02
N SER A 60 -12.98 -7.70 -5.73
CA SER A 60 -13.01 -9.06 -5.33
C SER A 60 -11.60 -9.65 -5.40
N LEU A 61 -11.35 -10.49 -4.38
CA LEU A 61 -10.10 -11.25 -4.28
C LEU A 61 -10.33 -12.73 -4.54
N ARG A 62 -11.54 -13.10 -4.98
CA ARG A 62 -11.98 -14.48 -5.07
C ARG A 62 -11.55 -15.07 -6.41
N ASP A 63 -10.51 -15.88 -6.40
N ASP A 63 -10.52 -15.87 -6.40
CA ASP A 63 -10.03 -16.54 -7.61
CA ASP A 63 -9.96 -16.48 -7.59
C ASP A 63 -9.49 -15.55 -8.61
C ASP A 63 -9.47 -15.49 -8.61
N GLU A 64 -9.11 -14.36 -8.16
N GLU A 64 -9.09 -14.30 -8.16
CA GLU A 64 -8.38 -13.44 -8.98
CA GLU A 64 -8.48 -13.31 -9.01
C GLU A 64 -7.73 -12.36 -8.08
C GLU A 64 -7.73 -12.35 -8.09
N PHE A 65 -6.81 -11.61 -8.66
CA PHE A 65 -5.97 -10.69 -7.94
C PHE A 65 -5.96 -9.38 -8.68
N PRO A 66 -6.31 -8.25 -8.02
CA PRO A 66 -6.56 -6.98 -8.72
C PRO A 66 -5.29 -6.22 -9.00
N LEU A 67 -4.44 -6.77 -9.86
CA LEU A 67 -3.27 -6.11 -10.41
C LEU A 67 -3.69 -5.48 -11.74
N LEU A 68 -3.72 -4.14 -11.79
CA LEU A 68 -4.34 -3.47 -12.95
C LEU A 68 -3.66 -3.88 -14.25
N THR A 69 -4.49 -4.00 -15.27
CA THR A 69 -4.09 -4.43 -16.59
C THR A 69 -4.01 -3.34 -17.65
N THR A 70 -4.63 -2.17 -17.38
CA THR A 70 -4.59 -1.13 -18.38
C THR A 70 -3.29 -0.39 -18.43
N LYS A 71 -2.37 -0.68 -17.50
CA LYS A 71 -0.96 -0.36 -17.61
C LYS A 71 -0.19 -1.43 -16.80
N ARG A 72 1.06 -1.67 -17.14
CA ARG A 72 1.85 -2.62 -16.34
C ARG A 72 2.18 -2.00 -14.98
N VAL A 73 1.79 -2.67 -13.91
CA VAL A 73 2.07 -2.24 -12.54
C VAL A 73 3.35 -2.95 -12.10
N PHE A 74 4.13 -2.24 -11.27
CA PHE A 74 5.42 -2.68 -10.80
C PHE A 74 5.29 -3.69 -9.65
N TRP A 75 4.88 -4.91 -10.01
CA TRP A 75 4.57 -5.95 -9.01
C TRP A 75 5.79 -6.29 -8.14
N LYS A 76 6.97 -6.34 -8.72
CA LYS A 76 8.17 -6.64 -7.91
C LYS A 76 8.27 -5.63 -6.78
N GLY A 77 8.02 -4.35 -7.10
CA GLY A 77 8.04 -3.30 -6.07
C GLY A 77 6.99 -3.51 -5.02
N VAL A 78 5.78 -3.88 -5.43
CA VAL A 78 4.69 -4.11 -4.50
C VAL A 78 5.09 -5.19 -3.49
N LEU A 79 5.57 -6.31 -3.99
CA LEU A 79 5.89 -7.44 -3.18
C LEU A 79 7.08 -7.15 -2.26
N GLU A 80 8.18 -6.60 -2.81
CA GLU A 80 9.32 -6.29 -1.96
C GLU A 80 9.00 -5.25 -0.90
N GLU A 81 8.20 -4.22 -1.27
CA GLU A 81 7.83 -3.23 -0.29
C GLU A 81 7.08 -3.85 0.88
N LEU A 82 6.14 -4.72 0.61
CA LEU A 82 5.34 -5.30 1.67
C LEU A 82 6.20 -6.21 2.58
N LEU A 83 7.10 -6.99 1.99
CA LEU A 83 7.99 -7.80 2.80
C LEU A 83 8.86 -6.95 3.72
N TRP A 84 9.26 -5.78 3.21
CA TRP A 84 10.08 -4.82 3.95
C TRP A 84 9.29 -4.21 5.13
N PHE A 85 8.02 -3.83 4.85
CA PHE A 85 7.14 -3.41 5.94
C PHE A 85 7.01 -4.46 7.04
N ILE A 86 6.85 -5.71 6.59
CA ILE A 86 6.64 -6.81 7.56
C ILE A 86 7.88 -6.99 8.41
N LYS A 87 9.06 -6.78 7.90
CA LYS A 87 10.29 -6.78 8.70
C LYS A 87 10.40 -5.63 9.63
N GLY A 88 9.46 -4.69 9.62
CA GLY A 88 9.48 -3.54 10.49
C GLY A 88 10.37 -2.43 10.02
N SER A 89 10.86 -2.46 8.78
CA SER A 89 11.84 -1.48 8.35
C SER A 89 11.25 -0.12 8.06
N THR A 90 12.02 0.92 8.39
CA THR A 90 11.79 2.28 7.96
C THR A 90 13.01 2.80 7.27
N ASN A 91 13.85 1.93 6.74
CA ASN A 91 15.09 2.30 6.07
C ASN A 91 15.01 2.05 4.58
N ALA A 92 14.80 3.11 3.81
CA ALA A 92 14.62 3.00 2.37
C ALA A 92 15.80 2.28 1.72
N LYS A 93 17.01 2.40 2.32
CA LYS A 93 18.18 1.77 1.73
C LYS A 93 18.10 0.26 1.68
N GLU A 94 17.33 -0.34 2.60
CA GLU A 94 17.14 -1.78 2.63
C GLU A 94 16.30 -2.24 1.51
N LEU A 95 15.35 -1.42 1.08
CA LEU A 95 14.48 -1.73 -0.05
C LEU A 95 15.14 -1.39 -1.38
N SER A 96 15.90 -0.27 -1.42
CA SER A 96 16.52 0.19 -2.64
C SER A 96 17.38 -0.86 -3.27
N SER A 97 18.14 -1.60 -2.49
CA SER A 97 19.07 -2.61 -3.02
C SER A 97 18.37 -3.77 -3.71
N LYS A 98 17.07 -3.93 -3.47
CA LYS A 98 16.22 -4.90 -4.21
C LYS A 98 15.92 -4.39 -5.61
N GLY A 99 16.36 -3.20 -5.98
CA GLY A 99 15.92 -2.58 -7.24
C GLY A 99 14.57 -1.93 -7.14
N VAL A 100 14.17 -1.55 -5.92
CA VAL A 100 12.86 -0.94 -5.64
C VAL A 100 13.13 0.38 -4.98
N ARG A 101 13.04 1.42 -5.81
CA ARG A 101 13.57 2.75 -5.46
CA ARG A 101 13.56 2.75 -5.45
C ARG A 101 12.46 3.72 -5.00
N ILE A 102 11.27 3.19 -4.74
CA ILE A 102 10.06 4.00 -4.51
C ILE A 102 10.13 4.94 -3.31
N TRP A 103 10.92 4.59 -2.29
CA TRP A 103 11.04 5.42 -1.10
C TRP A 103 12.33 6.22 -1.05
N ASP A 104 13.15 6.12 -2.11
CA ASP A 104 14.47 6.71 -2.06
C ASP A 104 14.45 8.22 -1.99
N ALA A 105 13.56 8.84 -2.73
CA ALA A 105 13.44 10.30 -2.75
C ALA A 105 13.07 10.80 -1.36
N ASN A 106 12.13 10.13 -0.71
N ASN A 106 12.13 10.14 -0.69
CA ASN A 106 11.63 10.53 0.57
CA ASN A 106 11.68 10.54 0.62
C ASN A 106 12.69 10.39 1.64
C ASN A 106 12.71 10.39 1.66
N GLY A 107 13.68 9.50 1.46
CA GLY A 107 14.77 9.36 2.41
C GLY A 107 16.06 10.01 2.03
N SER A 108 16.07 10.79 0.97
CA SER A 108 17.29 11.37 0.46
C SER A 108 17.78 12.50 1.36
N ARG A 109 19.11 12.71 1.33
CA ARG A 109 19.74 13.75 2.13
C ARG A 109 19.02 15.08 2.00
N ASP A 110 18.81 15.50 0.74
CA ASP A 110 18.23 16.82 0.53
C ASP A 110 16.78 16.89 0.98
N PHE A 111 15.99 15.89 0.76
CA PHE A 111 14.59 15.88 1.24
C PHE A 111 14.57 15.90 2.73
N LEU A 112 15.32 15.00 3.38
CA LEU A 112 15.41 15.02 4.82
C LEU A 112 15.83 16.35 5.37
N ASP A 113 16.88 16.95 4.79
CA ASP A 113 17.30 18.24 5.28
C ASP A 113 16.21 19.28 5.13
N SER A 114 15.40 19.21 4.07
CA SER A 114 14.32 20.17 3.82
C SER A 114 13.23 20.15 4.90
N LEU A 115 13.13 19.06 5.63
CA LEU A 115 12.15 18.88 6.68
C LEU A 115 12.80 19.05 8.05
N GLY A 116 14.09 19.48 8.06
CA GLY A 116 14.80 19.68 9.29
C GLY A 116 15.47 18.50 9.89
N PHE A 117 15.61 17.42 9.15
CA PHE A 117 16.16 16.19 9.69
C PHE A 117 17.64 16.04 9.26
N SER A 118 18.43 17.04 9.53
CA SER A 118 19.82 16.96 9.08
C SER A 118 20.66 16.00 9.90
N ALA A 119 20.24 15.69 11.09
CA ALA A 119 20.94 14.67 11.90
C ALA A 119 20.73 13.26 11.48
N ARG A 120 19.71 13.02 10.64
CA ARG A 120 19.27 11.78 10.27
CA ARG A 120 19.35 11.66 10.34
C ARG A 120 20.11 11.17 9.15
N GLN A 121 20.37 9.87 9.17
CA GLN A 121 21.04 9.18 8.11
C GLN A 121 20.15 9.11 6.87
N GLU A 122 20.78 9.10 5.69
N GLU A 122 20.76 9.14 5.68
CA GLU A 122 20.01 8.89 4.45
CA GLU A 122 19.99 8.97 4.44
C GLU A 122 19.31 7.55 4.53
C GLU A 122 19.32 7.58 4.50
N GLY A 123 18.06 7.55 4.03
CA GLY A 123 17.23 6.42 4.07
C GLY A 123 16.24 6.37 5.21
N ASP A 124 16.44 7.16 6.25
CA ASP A 124 15.64 7.06 7.49
C ASP A 124 14.35 7.83 7.27
N LEU A 125 13.29 7.08 6.97
CA LEU A 125 11.97 7.62 6.66
C LEU A 125 11.21 8.09 7.86
N GLY A 126 11.76 7.84 9.05
CA GLY A 126 11.05 8.13 10.30
C GLY A 126 10.12 7.01 10.70
N PRO A 127 9.27 7.26 11.69
CA PRO A 127 8.44 6.21 12.29
C PRO A 127 7.18 5.96 11.48
N VAL A 128 7.39 5.39 10.29
CA VAL A 128 6.34 5.07 9.35
C VAL A 128 5.93 3.63 9.45
N TYR A 129 5.35 3.02 8.39
CA TYR A 129 4.63 1.75 8.50
C TYR A 129 5.37 0.65 9.24
N GLY A 130 6.60 0.36 8.84
CA GLY A 130 7.26 -0.78 9.48
C GLY A 130 7.31 -0.62 10.99
N PHE A 131 7.61 0.59 11.45
CA PHE A 131 7.67 0.89 12.88
C PHE A 131 6.33 0.90 13.53
N GLN A 132 5.32 1.57 12.95
CA GLN A 132 4.02 1.60 13.57
C GLN A 132 3.34 0.25 13.61
N TRP A 133 3.51 -0.54 12.54
CA TRP A 133 2.85 -1.84 12.48
C TRP A 133 3.41 -2.83 13.50
N ARG A 134 4.71 -2.69 13.81
N ARG A 134 4.72 -2.76 13.79
CA ARG A 134 5.39 -3.65 14.69
CA ARG A 134 5.36 -3.72 14.69
C ARG A 134 5.67 -3.11 16.09
C ARG A 134 5.68 -3.13 16.10
N HIS A 135 5.65 -1.78 16.26
CA HIS A 135 6.12 -1.16 17.49
C HIS A 135 5.33 0.07 17.90
N PHE A 136 4.01 0.11 17.60
CA PHE A 136 3.24 1.33 17.84
C PHE A 136 3.44 1.75 19.29
N GLY A 137 3.73 3.01 19.49
CA GLY A 137 3.81 3.58 20.83
C GLY A 137 5.20 3.61 21.36
N ALA A 138 6.15 2.87 20.79
CA ALA A 138 7.56 2.94 21.18
C ALA A 138 8.13 4.29 20.85
N GLU A 139 9.24 4.61 21.50
N GLU A 139 9.23 4.62 21.50
CA GLU A 139 9.95 5.85 21.24
CA GLU A 139 9.92 5.88 21.23
C GLU A 139 10.87 5.72 20.06
C GLU A 139 10.87 5.73 20.06
N TYR A 140 10.60 6.42 18.97
CA TYR A 140 11.47 6.36 17.78
C TYR A 140 12.74 7.15 18.02
N LYS A 141 13.84 6.54 17.63
N LYS A 141 13.84 6.55 17.62
CA LYS A 141 15.16 7.13 17.67
CA LYS A 141 15.15 7.15 17.69
C LYS A 141 15.73 7.23 16.27
C LYS A 141 15.71 7.29 16.30
N ASP A 142 16.25 6.11 15.73
N ASP A 142 16.27 6.18 15.77
CA ASP A 142 16.72 6.08 14.36
CA ASP A 142 16.55 6.13 14.33
C ASP A 142 16.20 4.83 13.68
C ASP A 142 16.14 4.81 13.70
N MET A 143 16.31 4.79 12.36
N MET A 143 16.27 4.72 12.37
CA MET A 143 15.81 3.66 11.62
CA MET A 143 15.76 3.54 11.65
C MET A 143 16.39 2.38 12.06
C MET A 143 16.47 2.25 12.02
N ASP A 144 17.68 2.39 12.52
CA ASP A 144 18.45 1.20 12.86
CA ASP A 144 18.53 1.24 12.90
C ASP A 144 18.50 0.87 14.39
N SER A 145 17.77 1.62 15.16
CA SER A 145 17.69 1.33 16.56
C SER A 145 17.06 -0.05 16.86
N ASP A 146 17.38 -0.61 18.01
CA ASP A 146 16.80 -1.86 18.40
C ASP A 146 15.47 -1.63 19.12
N TYR A 147 14.35 -1.99 18.49
CA TYR A 147 13.02 -1.82 19.11
C TYR A 147 12.40 -3.11 19.61
N SER A 148 13.24 -4.12 19.77
N SER A 148 13.23 -4.13 19.75
CA SER A 148 12.75 -5.43 20.17
CA SER A 148 12.74 -5.45 20.12
C SER A 148 11.95 -5.38 21.46
C SER A 148 11.96 -5.39 21.44
N GLY A 149 10.75 -5.98 21.43
CA GLY A 149 9.87 -6.00 22.56
C GLY A 149 9.23 -4.65 22.92
N GLN A 150 9.40 -3.61 22.09
CA GLN A 150 8.84 -2.32 22.40
C GLN A 150 7.62 -2.06 21.57
N GLY A 151 6.63 -1.48 22.16
CA GLY A 151 5.44 -1.08 21.47
C GLY A 151 4.53 -2.20 21.11
N VAL A 152 3.44 -1.90 20.41
CA VAL A 152 2.40 -2.89 20.06
C VAL A 152 2.69 -3.43 18.68
N ASP A 153 2.77 -4.77 18.60
CA ASP A 153 2.88 -5.48 17.31
C ASP A 153 1.48 -5.65 16.77
N GLN A 154 0.99 -4.63 16.08
CA GLN A 154 -0.37 -4.63 15.53
C GLN A 154 -0.54 -5.72 14.49
N LEU A 155 0.47 -5.98 13.69
CA LEU A 155 0.36 -6.99 12.65
C LEU A 155 0.09 -8.35 13.22
N GLN A 156 0.92 -8.76 14.21
CA GLN A 156 0.69 -10.04 14.80
C GLN A 156 -0.63 -10.10 15.57
N LYS A 157 -1.02 -9.01 16.21
N LYS A 157 -1.01 -9.00 16.22
CA LYS A 157 -2.28 -8.97 16.92
CA LYS A 157 -2.29 -8.95 16.92
C LYS A 157 -3.49 -9.18 15.99
C LYS A 157 -3.49 -9.17 16.00
N VAL A 158 -3.46 -8.55 14.80
CA VAL A 158 -4.54 -8.77 13.82
C VAL A 158 -4.63 -10.24 13.47
N ILE A 159 -3.48 -10.86 13.20
CA ILE A 159 -3.43 -12.26 12.82
C ILE A 159 -4.05 -13.13 13.92
N ASP A 160 -3.59 -12.89 15.16
CA ASP A 160 -4.06 -13.66 16.30
C ASP A 160 -5.55 -13.48 16.51
N THR A 161 -6.06 -12.26 16.35
CA THR A 161 -7.49 -12.00 16.53
C THR A 161 -8.34 -12.69 15.45
N ILE A 162 -7.86 -12.67 14.20
CA ILE A 162 -8.59 -13.36 13.15
C ILE A 162 -8.71 -14.86 13.49
N LYS A 163 -7.62 -15.43 13.97
CA LYS A 163 -7.66 -16.86 14.33
C LYS A 163 -8.59 -17.17 15.49
N THR A 164 -8.62 -16.34 16.54
CA THR A 164 -9.29 -16.66 17.78
C THR A 164 -10.70 -16.09 17.81
N ASN A 165 -10.96 -14.97 17.18
CA ASN A 165 -12.21 -14.25 17.27
C ASN A 165 -12.51 -13.57 15.93
N PRO A 166 -12.77 -14.36 14.89
CA PRO A 166 -12.98 -13.80 13.56
C PRO A 166 -14.14 -12.82 13.44
N ASP A 167 -15.12 -12.89 14.35
CA ASP A 167 -16.24 -11.94 14.32
C ASP A 167 -15.88 -10.57 14.80
N ASP A 168 -14.69 -10.37 15.37
CA ASP A 168 -14.30 -9.14 16.00
CA ASP A 168 -14.32 -9.14 16.02
C ASP A 168 -14.40 -7.95 14.99
N ARG A 169 -15.00 -6.87 15.46
CA ARG A 169 -15.20 -5.67 14.68
C ARG A 169 -14.13 -4.59 14.92
N ARG A 170 -13.06 -4.99 15.60
CA ARG A 170 -11.96 -4.12 16.04
C ARG A 170 -10.64 -4.50 15.42
N ILE A 171 -10.64 -5.25 14.32
CA ILE A 171 -9.40 -5.82 13.78
C ILE A 171 -8.76 -4.77 12.87
N ILE A 172 -7.95 -3.91 13.46
CA ILE A 172 -7.39 -2.73 12.82
C ILE A 172 -5.90 -2.69 12.95
N MET A 173 -5.21 -2.26 11.90
CA MET A 173 -3.80 -1.89 11.98
CA MET A 173 -3.79 -1.88 11.99
C MET A 173 -3.72 -0.44 11.58
N CYS A 174 -3.20 0.40 12.44
CA CYS A 174 -3.22 1.85 12.26
C CYS A 174 -1.82 2.42 12.22
N ALA A 175 -1.45 3.02 11.11
CA ALA A 175 -0.14 3.68 10.94
C ALA A 175 -0.20 5.14 11.34
N TRP A 176 -1.36 5.73 11.41
CA TRP A 176 -1.51 7.12 11.78
C TRP A 176 -1.23 7.28 13.25
N ASN A 177 -0.16 7.95 13.63
CA ASN A 177 0.23 8.12 15.01
C ASN A 177 0.46 9.60 15.24
N PRO A 178 -0.51 10.32 15.75
CA PRO A 178 -0.38 11.78 15.93
C PRO A 178 0.87 12.20 16.66
N LYS A 179 1.30 11.47 17.63
CA LYS A 179 2.50 11.79 18.43
C LYS A 179 3.74 11.78 17.57
N ASP A 180 3.85 10.83 16.66
CA ASP A 180 5.01 10.58 15.82
C ASP A 180 5.05 11.34 14.50
N LEU A 181 3.90 11.94 14.11
CA LEU A 181 3.81 12.55 12.80
C LEU A 181 4.94 13.50 12.51
N PRO A 182 5.38 14.37 13.45
CA PRO A 182 6.42 15.31 13.13
C PRO A 182 7.74 14.71 12.71
N LEU A 183 7.98 13.43 13.03
CA LEU A 183 9.21 12.74 12.67
C LEU A 183 9.17 12.01 11.35
N MET A 184 7.98 11.95 10.75
CA MET A 184 7.82 11.17 9.52
C MET A 184 8.18 11.98 8.29
N ALA A 185 8.98 11.39 7.40
CA ALA A 185 9.28 12.09 6.15
C ALA A 185 8.06 12.18 5.26
N LEU A 186 7.13 11.26 5.33
CA LEU A 186 5.85 11.35 4.67
C LEU A 186 4.85 10.75 5.62
N PRO A 187 3.94 11.51 6.22
CA PRO A 187 2.88 10.93 7.01
C PRO A 187 2.13 9.91 6.16
N PRO A 188 1.72 8.77 6.74
N PRO A 188 1.73 8.77 6.74
CA PRO A 188 1.18 7.67 5.93
CA PRO A 188 1.19 7.68 5.92
C PRO A 188 0.02 8.14 5.07
C PRO A 188 0.02 8.14 5.06
N CYS A 189 0.08 7.82 3.78
CA CYS A 189 -1.08 7.94 2.92
C CYS A 189 -2.13 6.90 3.28
N HIS A 190 -1.73 5.79 3.90
CA HIS A 190 -2.58 4.69 4.30
C HIS A 190 -2.76 4.76 5.81
N ALA A 191 -3.77 5.51 6.24
CA ALA A 191 -3.87 5.85 7.66
C ALA A 191 -4.14 4.62 8.50
N LEU A 192 -5.04 3.75 8.05
CA LEU A 192 -5.36 2.53 8.74
C LEU A 192 -5.95 1.53 7.77
N CYS A 193 -6.02 0.27 8.20
CA CYS A 193 -6.80 -0.75 7.54
C CYS A 193 -7.51 -1.57 8.59
N GLN A 194 -8.62 -2.17 8.14
CA GLN A 194 -9.48 -3.01 8.99
C GLN A 194 -9.70 -4.32 8.26
N PHE A 195 -9.69 -5.41 9.03
CA PHE A 195 -10.01 -6.73 8.52
C PHE A 195 -11.37 -7.18 9.05
N TYR A 196 -11.94 -8.14 8.32
CA TYR A 196 -13.32 -8.57 8.58
C TYR A 196 -13.41 -10.01 8.04
N VAL A 197 -14.16 -10.84 8.80
CA VAL A 197 -14.38 -12.25 8.40
C VAL A 197 -15.86 -12.55 8.41
N VAL A 198 -16.31 -13.16 7.32
CA VAL A 198 -17.65 -13.78 7.28
C VAL A 198 -17.57 -14.91 6.26
N ASN A 199 -18.34 -15.97 6.49
CA ASN A 199 -18.49 -17.07 5.54
CA ASN A 199 -18.43 -17.14 5.64
C ASN A 199 -17.11 -17.63 5.15
N GLY A 200 -16.14 -17.70 6.04
CA GLY A 200 -14.85 -18.26 5.74
C GLY A 200 -13.94 -17.37 4.92
N GLU A 201 -14.31 -16.12 4.72
CA GLU A 201 -13.61 -15.23 3.85
C GLU A 201 -13.09 -14.02 4.62
N LEU A 202 -11.84 -13.65 4.32
CA LEU A 202 -11.20 -12.48 4.92
C LEU A 202 -11.21 -11.30 3.98
N SER A 203 -11.79 -10.21 4.43
CA SER A 203 -11.79 -8.96 3.70
C SER A 203 -10.93 -7.92 4.41
N CYS A 204 -10.55 -6.89 3.67
CA CYS A 204 -9.73 -5.79 4.19
C CYS A 204 -10.26 -4.49 3.62
N GLN A 205 -10.36 -3.47 4.46
CA GLN A 205 -10.67 -2.11 4.01
C GLN A 205 -9.51 -1.23 4.35
N LEU A 206 -9.03 -0.47 3.35
CA LEU A 206 -8.01 0.55 3.52
C LEU A 206 -8.64 1.92 3.56
N TYR A 207 -8.26 2.72 4.56
CA TYR A 207 -8.54 4.17 4.57
C TYR A 207 -7.31 4.91 4.08
N GLN A 208 -7.35 5.34 2.83
CA GLN A 208 -6.27 6.06 2.20
C GLN A 208 -6.62 7.55 2.20
N ARG A 209 -5.93 8.31 3.03
CA ARG A 209 -6.24 9.74 3.22
C ARG A 209 -6.00 10.57 1.97
N SER A 210 -5.11 10.13 1.10
CA SER A 210 -4.59 10.90 0.00
C SER A 210 -4.15 9.89 -1.05
N GLY A 211 -4.78 9.94 -2.23
CA GLY A 211 -4.51 8.99 -3.30
C GLY A 211 -4.13 9.68 -4.59
N ASP A 212 -2.84 9.50 -4.96
CA ASP A 212 -2.31 9.92 -6.26
C ASP A 212 -2.83 8.89 -7.24
N MET A 213 -3.90 9.20 -7.96
CA MET A 213 -4.57 8.22 -8.76
C MET A 213 -3.71 7.62 -9.84
N GLY A 214 -2.85 8.41 -10.45
CA GLY A 214 -2.02 7.90 -11.50
C GLY A 214 -0.86 7.05 -11.04
N LEU A 215 -0.17 7.45 -10.01
CA LEU A 215 1.02 6.75 -9.56
C LEU A 215 0.78 5.78 -8.40
N GLY A 216 0.41 6.28 -7.26
CA GLY A 216 0.34 5.46 -6.08
C GLY A 216 -0.81 4.50 -6.08
N VAL A 217 -2.02 4.91 -6.46
CA VAL A 217 -3.21 4.12 -6.20
C VAL A 217 -3.14 2.69 -6.79
N PRO A 218 -2.79 2.53 -8.09
CA PRO A 218 -2.76 1.13 -8.60
C PRO A 218 -1.80 0.21 -7.81
N PHE A 219 -0.67 0.79 -7.45
CA PHE A 219 0.35 0.10 -6.66
C PHE A 219 -0.16 -0.27 -5.28
N ASN A 220 -0.84 0.71 -4.66
CA ASN A 220 -1.40 0.55 -3.30
C ASN A 220 -2.50 -0.47 -3.24
N ILE A 221 -3.36 -0.51 -4.29
CA ILE A 221 -4.39 -1.54 -4.36
C ILE A 221 -3.75 -2.92 -4.35
N ALA A 222 -2.74 -3.12 -5.16
CA ALA A 222 -2.06 -4.41 -5.20
C ALA A 222 -1.43 -4.73 -3.85
N SER A 223 -0.87 -3.76 -3.17
CA SER A 223 -0.22 -3.98 -1.88
C SER A 223 -1.19 -4.56 -0.86
N TYR A 224 -2.35 -3.90 -0.69
CA TYR A 224 -3.30 -4.36 0.30
C TYR A 224 -4.00 -5.64 -0.12
N ALA A 225 -4.23 -5.86 -1.40
CA ALA A 225 -4.74 -7.14 -1.85
C ALA A 225 -3.74 -8.25 -1.49
N LEU A 226 -2.45 -7.98 -1.70
CA LEU A 226 -1.42 -8.94 -1.37
C LEU A 226 -1.38 -9.20 0.13
N LEU A 227 -1.45 -8.17 0.97
CA LEU A 227 -1.47 -8.35 2.40
C LEU A 227 -2.62 -9.25 2.82
N THR A 228 -3.78 -9.04 2.20
CA THR A 228 -4.97 -9.82 2.51
C THR A 228 -4.77 -11.28 2.14
N TYR A 229 -4.19 -11.53 0.96
CA TYR A 229 -3.85 -12.91 0.59
C TYR A 229 -2.92 -13.54 1.59
N MET A 230 -1.89 -12.81 2.04
CA MET A 230 -0.92 -13.37 2.99
C MET A 230 -1.59 -13.73 4.27
N ILE A 231 -2.40 -12.82 4.83
CA ILE A 231 -3.04 -13.07 6.12
C ILE A 231 -4.08 -14.17 6.00
N ALA A 232 -4.83 -14.20 4.88
CA ALA A 232 -5.80 -15.30 4.68
C ALA A 232 -5.07 -16.63 4.69
N HIS A 233 -3.94 -16.69 4.00
CA HIS A 233 -3.16 -17.91 3.92
C HIS A 233 -2.76 -18.40 5.31
N ILE A 234 -2.22 -17.56 6.14
N ILE A 234 -2.20 -17.51 6.14
CA ILE A 234 -1.74 -18.02 7.37
CA ILE A 234 -1.70 -17.74 7.52
C ILE A 234 -2.84 -18.26 8.42
C ILE A 234 -2.83 -18.21 8.43
N THR A 235 -4.06 -17.73 8.19
CA THR A 235 -5.21 -17.92 9.09
C THR A 235 -6.14 -19.01 8.56
N GLY A 236 -5.84 -19.62 7.44
CA GLY A 236 -6.71 -20.66 6.93
C GLY A 236 -8.00 -20.22 6.33
N LEU A 237 -8.09 -18.98 5.90
CA LEU A 237 -9.29 -18.39 5.34
C LEU A 237 -9.08 -18.21 3.82
N GLN A 238 -10.17 -17.87 3.13
CA GLN A 238 -10.08 -17.55 1.72
C GLN A 238 -10.17 -16.01 1.58
N PRO A 239 -9.46 -15.39 0.66
CA PRO A 239 -9.61 -13.96 0.44
C PRO A 239 -11.02 -13.61 -0.03
N GLY A 240 -11.55 -12.48 0.48
CA GLY A 240 -12.90 -12.03 0.16
C GLY A 240 -12.85 -10.80 -0.72
N ASP A 241 -13.01 -9.63 -0.13
CA ASP A 241 -12.94 -8.34 -0.81
C ASP A 241 -11.82 -7.49 -0.27
N PHE A 242 -11.28 -6.65 -1.13
CA PHE A 242 -10.50 -5.48 -0.73
C PHE A 242 -11.33 -4.26 -1.00
N VAL A 243 -11.72 -3.52 0.03
CA VAL A 243 -12.49 -2.29 -0.05
C VAL A 243 -11.52 -1.16 0.05
N HIS A 244 -11.44 -0.33 -1.00
CA HIS A 244 -10.54 0.79 -1.07
C HIS A 244 -11.31 2.08 -0.83
N THR A 245 -11.03 2.77 0.28
CA THR A 245 -11.67 4.04 0.60
C THR A 245 -10.66 5.15 0.47
N LEU A 246 -11.04 6.24 -0.19
CA LEU A 246 -10.19 7.40 -0.41
C LEU A 246 -10.74 8.65 0.28
N GLY A 247 -9.81 9.42 0.83
CA GLY A 247 -10.01 10.82 1.29
C GLY A 247 -9.88 11.72 0.07
N ASP A 248 -8.76 12.45 -0.02
CA ASP A 248 -8.49 13.28 -1.20
C ASP A 248 -7.98 12.40 -2.33
N ALA A 249 -8.90 12.03 -3.23
CA ALA A 249 -8.60 11.27 -4.45
C ALA A 249 -8.27 12.30 -5.52
N HIS A 250 -7.03 12.27 -6.05
CA HIS A 250 -6.62 13.34 -6.97
C HIS A 250 -5.82 12.83 -8.13
N ILE A 251 -5.94 13.61 -9.21
CA ILE A 251 -5.12 13.46 -10.43
C ILE A 251 -4.22 14.67 -10.51
N TYR A 252 -2.91 14.46 -10.47
CA TYR A 252 -1.97 15.55 -10.68
C TYR A 252 -2.15 16.11 -12.08
N LEU A 253 -1.96 17.42 -12.28
CA LEU A 253 -2.24 18.01 -13.57
C LEU A 253 -1.36 17.45 -14.68
N ASN A 254 -0.16 16.98 -14.35
CA ASN A 254 0.72 16.36 -15.32
C ASN A 254 0.50 14.89 -15.52
N HIS A 255 -0.56 14.30 -14.95
CA HIS A 255 -0.99 12.92 -15.21
C HIS A 255 -2.23 12.86 -16.05
N ILE A 256 -2.80 14.00 -16.43
CA ILE A 256 -4.05 14.00 -17.18
C ILE A 256 -3.89 13.33 -18.51
N GLU A 257 -2.88 13.71 -19.31
CA GLU A 257 -2.70 13.12 -20.63
C GLU A 257 -2.33 11.62 -20.53
N PRO A 258 -1.41 11.22 -19.64
CA PRO A 258 -1.17 9.79 -19.47
C PRO A 258 -2.42 8.99 -19.08
N LEU A 259 -3.25 9.51 -18.19
CA LEU A 259 -4.45 8.76 -17.79
C LEU A 259 -5.46 8.72 -18.90
N LYS A 260 -5.56 9.77 -19.72
N LYS A 260 -5.56 9.77 -19.72
CA LYS A 260 -6.46 9.72 -20.87
CA LYS A 260 -6.46 9.73 -20.86
C LYS A 260 -6.03 8.64 -21.87
C LYS A 260 -6.03 8.64 -21.87
N ILE A 261 -4.74 8.45 -22.04
CA ILE A 261 -4.21 7.31 -22.82
C ILE A 261 -4.68 5.96 -22.19
N GLN A 262 -4.49 5.83 -20.89
CA GLN A 262 -4.84 4.61 -20.19
C GLN A 262 -6.32 4.25 -20.33
N LEU A 263 -7.17 5.28 -20.26
CA LEU A 263 -8.60 5.07 -20.29
C LEU A 263 -9.12 4.54 -21.61
N GLN A 264 -8.34 4.67 -22.67
N GLN A 264 -8.35 4.66 -22.66
CA GLN A 264 -8.67 4.10 -23.96
CA GLN A 264 -8.82 4.09 -23.90
C GLN A 264 -8.50 2.63 -24.09
C GLN A 264 -8.50 2.63 -24.09
N ARG A 265 -7.78 2.04 -23.15
CA ARG A 265 -7.38 0.64 -23.24
C ARG A 265 -8.39 -0.28 -22.61
N GLU A 266 -8.67 -1.43 -23.21
CA GLU A 266 -9.60 -2.38 -22.64
C GLU A 266 -8.91 -3.17 -21.54
N PRO A 267 -9.59 -3.36 -20.40
CA PRO A 267 -9.02 -4.25 -19.39
C PRO A 267 -8.88 -5.67 -19.92
N ARG A 268 -7.88 -6.37 -19.45
CA ARG A 268 -7.71 -7.79 -19.66
C ARG A 268 -8.09 -8.50 -18.38
N PRO A 269 -8.44 -9.78 -18.40
CA PRO A 269 -8.76 -10.45 -17.14
C PRO A 269 -7.70 -10.26 -16.08
N PHE A 270 -8.11 -10.03 -14.85
CA PHE A 270 -7.11 -9.94 -13.78
C PHE A 270 -6.33 -11.26 -13.69
N PRO A 271 -5.08 -11.22 -13.27
CA PRO A 271 -4.29 -12.42 -13.04
C PRO A 271 -4.75 -13.16 -11.79
N LYS A 272 -4.11 -14.27 -11.52
CA LYS A 272 -4.23 -15.00 -10.25
C LYS A 272 -2.91 -14.83 -9.49
N LEU A 273 -3.06 -14.88 -8.16
CA LEU A 273 -1.88 -14.94 -7.29
C LEU A 273 -1.84 -16.33 -6.67
N LYS A 274 -0.68 -17.00 -6.84
N LYS A 274 -0.68 -17.00 -6.84
CA LYS A 274 -0.41 -18.29 -6.26
CA LYS A 274 -0.41 -18.29 -6.26
C LYS A 274 0.60 -18.17 -5.17
C LYS A 274 0.60 -18.17 -5.17
N ILE A 275 0.35 -18.83 -4.06
CA ILE A 275 1.33 -18.98 -2.96
C ILE A 275 1.80 -20.41 -3.03
N LEU A 276 3.14 -20.56 -3.18
CA LEU A 276 3.72 -21.80 -3.69
C LEU A 276 4.08 -22.82 -2.60
N ARG A 277 3.89 -22.52 -1.36
CA ARG A 277 4.12 -23.47 -0.29
C ARG A 277 3.22 -23.03 0.88
N LYS A 278 3.11 -23.90 1.86
N LYS A 278 3.11 -23.90 1.85
CA LYS A 278 2.37 -23.60 3.06
CA LYS A 278 2.38 -23.61 3.05
C LYS A 278 3.27 -22.84 4.02
C LYS A 278 3.28 -22.85 4.01
N VAL A 279 2.89 -21.60 4.30
CA VAL A 279 3.67 -20.70 5.16
C VAL A 279 2.88 -20.53 6.44
N GLU A 280 3.58 -20.66 7.55
N GLU A 280 3.58 -20.65 7.56
CA GLU A 280 2.94 -20.64 8.88
CA GLU A 280 2.91 -20.66 8.86
C GLU A 280 2.83 -19.33 9.60
C GLU A 280 2.83 -19.35 9.61
N THR A 281 3.75 -18.43 9.33
CA THR A 281 3.78 -17.15 10.01
C THR A 281 4.06 -16.06 8.98
N ILE A 282 3.57 -14.85 9.28
CA ILE A 282 3.72 -13.73 8.36
C ILE A 282 5.18 -13.42 8.08
N ASP A 283 6.03 -13.65 9.09
CA ASP A 283 7.45 -13.35 8.99
CA ASP A 283 7.43 -13.31 8.99
C ASP A 283 8.15 -14.28 8.03
N ASP A 284 7.59 -15.43 7.74
CA ASP A 284 8.27 -16.43 6.95
C ASP A 284 8.07 -16.31 5.46
N PHE A 285 7.16 -15.44 5.01
CA PHE A 285 6.96 -15.27 3.55
C PHE A 285 8.22 -14.72 2.96
N LYS A 286 8.54 -15.20 1.77
CA LYS A 286 9.70 -14.77 0.99
C LYS A 286 9.25 -14.47 -0.44
N VAL A 287 10.05 -13.69 -1.16
CA VAL A 287 9.68 -13.29 -2.52
CA VAL A 287 9.67 -13.31 -2.53
C VAL A 287 9.37 -14.52 -3.39
N GLU A 288 10.14 -15.59 -3.26
N GLU A 288 10.14 -15.59 -3.25
CA GLU A 288 9.96 -16.73 -4.12
CA GLU A 288 9.97 -16.77 -4.08
C GLU A 288 8.75 -17.56 -3.82
C GLU A 288 8.75 -17.56 -3.82
N ASP A 289 8.00 -17.25 -2.77
CA ASP A 289 6.79 -17.95 -2.41
C ASP A 289 5.60 -17.53 -3.27
N PHE A 290 5.74 -16.51 -4.09
CA PHE A 290 4.58 -15.95 -4.81
C PHE A 290 4.75 -16.07 -6.32
N GLN A 291 3.66 -16.33 -7.02
CA GLN A 291 3.67 -16.29 -8.46
C GLN A 291 2.39 -15.62 -8.97
N ILE A 292 2.58 -14.57 -9.78
CA ILE A 292 1.45 -13.94 -10.51
C ILE A 292 1.31 -14.71 -11.81
N GLU A 293 0.10 -15.23 -12.05
CA GLU A 293 -0.18 -16.07 -13.23
C GLU A 293 -1.16 -15.36 -14.10
N GLY A 294 -0.92 -15.36 -15.42
CA GLY A 294 -1.88 -14.82 -16.35
C GLY A 294 -1.98 -13.31 -16.35
N TYR A 295 -0.89 -12.62 -16.10
CA TYR A 295 -0.90 -11.17 -16.12
C TYR A 295 -0.41 -10.67 -17.48
N ASN A 296 -1.32 -10.03 -18.23
CA ASN A 296 -1.03 -9.56 -19.58
C ASN A 296 -1.42 -8.11 -19.71
N PRO A 297 -0.69 -7.21 -19.04
CA PRO A 297 -1.07 -5.81 -19.07
C PRO A 297 -0.71 -5.15 -20.37
N HIS A 298 -1.37 -4.01 -20.61
CA HIS A 298 -0.93 -3.05 -21.59
C HIS A 298 0.37 -2.41 -21.15
N PRO A 299 1.06 -1.66 -22.00
CA PRO A 299 2.39 -1.23 -21.64
C PRO A 299 2.41 -0.24 -20.51
N THR A 300 3.55 -0.20 -19.84
CA THR A 300 3.86 0.82 -18.85
C THR A 300 3.54 2.21 -19.36
N ILE A 301 2.99 3.05 -18.49
CA ILE A 301 2.77 4.44 -18.73
C ILE A 301 3.55 5.23 -17.68
N LYS A 302 4.55 6.01 -18.10
N LYS A 302 4.54 6.01 -18.09
CA LYS A 302 5.32 6.77 -17.14
CA LYS A 302 5.32 6.75 -17.14
C LYS A 302 4.49 7.87 -16.52
C LYS A 302 4.49 7.88 -16.52
N MET A 303 4.49 7.94 -15.18
CA MET A 303 3.76 9.02 -14.47
C MET A 303 4.81 9.61 -13.53
N GLU A 304 5.11 10.87 -13.65
CA GLU A 304 6.15 11.48 -12.78
CA GLU A 304 6.16 11.47 -12.79
C GLU A 304 5.65 11.60 -11.35
N MET A 305 6.51 11.50 -10.39
CA MET A 305 6.19 11.61 -8.98
C MET A 305 6.32 13.06 -8.55
N ALA A 306 5.23 13.64 -8.03
CA ALA A 306 5.22 15.01 -7.48
C ALA A 306 5.90 14.94 -6.10
N VAL A 307 6.94 15.71 -5.90
CA VAL A 307 7.65 15.78 -4.65
C VAL A 307 7.64 17.22 -4.15
O2 NOH B . -1.04 7.79 -3.30
C2 NOH B . -0.21 7.74 -2.40
N3 NOH B . 0.12 6.53 -1.79
C4 NOH B . 1.30 6.28 -0.99
N4 NOH B . 1.61 5.06 -0.83
O4 NOH B . 2.77 5.01 0.00
C5 NOH B . 2.03 7.48 -0.52
C6 NOH B . 1.26 8.83 -0.59
N1 NOH B . 0.47 8.82 -1.87
C1' NOH B . 0.35 10.10 -2.64
C2' NOH B . -0.80 11.00 -2.19
C3' NOH B . -0.22 12.36 -2.51
O3' NOH B . -0.24 12.64 -3.94
O4' NOH B . 1.56 10.83 -2.40
C4' NOH B . 1.24 12.20 -2.11
C5' NOH B . 1.51 12.44 -0.64
O5' NOH B . 1.35 13.89 -0.43
P NOH B . 0.46 14.45 0.80
OP1 NOH B . -0.96 13.92 0.66
OP2 NOH B . 1.13 14.00 2.09
OP3 NOH B . 0.55 15.96 0.53
N1 DHF C . 4.39 10.94 -3.88
C2 DHF C . 3.44 11.11 -4.80
NA2 DHF C . 3.25 12.30 -5.29
N3 DHF C . 2.65 10.09 -5.23
C4 DHF C . 2.75 8.80 -4.73
O4 DHF C . 1.97 7.91 -5.11
C4A DHF C . 3.82 8.59 -3.80
N5 DHF C . 4.07 7.32 -3.31
C6 DHF C . 5.20 7.13 -2.57
C7 DHF C . 5.97 8.23 -2.14
N8 DHF C . 5.61 9.51 -2.50
C8A DHF C . 4.58 9.68 -3.40
C9 DHF C . 5.53 5.74 -2.18
N10 DHF C . 5.01 4.75 -3.11
C11 DHF C . 6.25 4.57 -7.04
C12 DHF C . 5.39 3.58 -6.52
C13 DHF C . 4.95 3.67 -5.18
C14 DHF C . 5.42 4.67 -4.39
C15 DHF C . 6.30 5.62 -4.98
C16 DHF C . 6.74 5.55 -6.24
C DHF C . 6.70 4.49 -8.44
O DHF C . 7.60 5.27 -8.90
N DHF C . 6.21 3.56 -9.21
CA DHF C . 6.29 3.64 -10.64
CB DHF C . 7.29 2.54 -11.00
CG DHF C . 8.77 2.80 -10.50
CD DHF C . 9.69 1.73 -11.14
OE1 DHF C . 10.90 1.61 -10.65
OE2 DHF C . 9.12 1.04 -12.11
CT DHF C . 4.92 3.47 -11.25
O1 DHF C . 4.77 3.92 -12.44
O2 DHF C . 3.97 2.89 -10.55
C1 GOL D . -20.10 -16.30 11.70
O1 GOL D . -20.24 -15.04 12.33
C2 GOL D . -20.19 -16.15 10.13
O2 GOL D . -18.94 -15.84 9.68
C3 GOL D . -19.78 -17.18 9.09
O3 GOL D . -20.61 -16.90 8.05
C1 GOL E . 4.10 -9.89 -12.66
O1 GOL E . 5.00 -8.95 -13.02
C2 GOL E . 4.42 -11.30 -13.09
O2 GOL E . 5.50 -11.74 -12.31
C3 GOL E . 4.68 -11.38 -14.54
O3 GOL E . 3.43 -11.45 -15.17
#